data_2MEQ
#
_entry.id   2MEQ
#
_entity_poly.entity_id   1
_entity_poly.type   'polyribonucleotide'
_entity_poly.pdbx_seq_one_letter_code
;GGCCGUAACUAUAACGGUC
;
_entity_poly.pdbx_strand_id   A
#
loop_
_chem_comp.id
_chem_comp.type
_chem_comp.name
_chem_comp.formula
A RNA linking ADENOSINE-5'-MONOPHOSPHATE 'C10 H14 N5 O7 P'
C RNA linking CYTIDINE-5'-MONOPHOSPHATE 'C9 H14 N3 O8 P'
G RNA linking GUANOSINE-5'-MONOPHOSPHATE 'C10 H14 N5 O8 P'
U RNA linking URIDINE-5'-MONOPHOSPHATE 'C9 H13 N2 O9 P'
#